data_8X36
#
_entry.id   8X36
#
_cell.length_a   97.520
_cell.length_b   48.680
_cell.length_c   121.130
_cell.angle_alpha   90.000
_cell.angle_beta   90.690
_cell.angle_gamma   90.000
#
_symmetry.space_group_name_H-M   'C 1 2 1'
#
loop_
_entity.id
_entity.type
_entity.pdbx_description
1 polymer 'Neryl-diphosphate synthase 1'
2 non-polymer 'DIMETHYLALLYL S-THIOLODIPHOSPHATE'
3 non-polymer '3-METHYLBUT-3-ENYL TRIHYDROGEN DIPHOSPHATE'
4 non-polymer 'MAGNESIUM ION'
5 water water
#
_entity_poly.entity_id   1
_entity_poly.type   'polypeptide(L)'
_entity_poly.pdbx_seq_one_letter_code
;GTMSARGLNKISCSLNLQTEKLCYEDNDNDLDEELMPKHIALIMDGNRRWAKDKGLEVYEGHKHIIPKLKEICDISSKLG
IQIITAFAFSTENWKRSKEEVDFLLQMFEEIYDEFSRSGVRVSIIGCKSDLPMTLQKCIALTEETTKGNKGLHLVIALNY
GGYYDILQATKSIVNKAMNGLLDVEDINKNLFDQELESKCPNPDLLIRTGGEQRVSNFLLWQLAYTEFYFTNTLFPDFGE
EDLKEAIMNFQQRHRRFGGHTY
;
_entity_poly.pdbx_strand_id   A,B
#
loop_
_chem_comp.id
_chem_comp.type
_chem_comp.name
_chem_comp.formula
DST non-polymer 'DIMETHYLALLYL S-THIOLODIPHOSPHATE' 'C5 H12 O6 P2 S'
IPE non-polymer '3-METHYLBUT-3-ENYL TRIHYDROGEN DIPHOSPHATE' 'C5 H12 O7 P2'
MG non-polymer 'MAGNESIUM ION' 'Mg 2'
#
# COMPACT_ATOMS: atom_id res chain seq x y z
N SER A 12 6.53 12.58 -20.94
CA SER A 12 7.57 13.38 -20.32
C SER A 12 7.38 13.47 -18.81
N CYS A 13 8.32 12.88 -18.05
CA CYS A 13 8.25 12.82 -16.60
C CYS A 13 9.31 13.70 -15.98
N SER A 14 8.98 14.29 -14.83
CA SER A 14 9.95 15.10 -14.09
C SER A 14 9.67 14.96 -12.60
N LEU A 15 10.68 14.49 -11.86
CA LEU A 15 10.48 14.06 -10.47
C LEU A 15 11.16 14.98 -9.50
N ASN A 16 12.49 14.99 -9.42
CA ASN A 16 13.21 15.83 -8.47
C ASN A 16 13.67 17.13 -9.13
N LYS A 21 3.70 17.82 -0.26
CA LYS A 21 2.81 17.10 0.65
C LYS A 21 2.31 17.96 1.82
N LEU A 22 1.19 18.65 1.62
CA LEU A 22 0.45 19.24 2.73
C LEU A 22 -0.42 18.20 3.44
N CYS A 23 0.07 16.97 3.51
CA CYS A 23 -0.56 15.85 4.20
C CYS A 23 0.48 15.24 5.14
N TYR A 24 0.08 14.19 5.85
CA TYR A 24 0.91 13.60 6.91
C TYR A 24 1.31 14.65 7.94
N LEU A 35 4.36 13.90 18.04
CA LEU A 35 4.45 12.74 18.92
C LEU A 35 3.10 12.03 19.07
N MET A 36 2.00 12.77 18.96
CA MET A 36 0.70 12.12 19.00
C MET A 36 0.10 12.10 17.59
N PRO A 37 -0.24 10.95 17.02
CA PRO A 37 -0.67 10.91 15.61
C PRO A 37 -1.97 11.66 15.40
N LYS A 38 -2.00 12.49 14.35
CA LYS A 38 -3.20 13.27 14.07
C LYS A 38 -4.27 12.41 13.41
N HIS A 39 -3.88 11.51 12.51
CA HIS A 39 -4.81 10.68 11.76
C HIS A 39 -4.41 9.22 11.94
N ILE A 40 -5.32 8.41 12.47
CA ILE A 40 -5.11 6.98 12.60
C ILE A 40 -6.04 6.24 11.64
N ALA A 41 -5.47 5.29 10.92
CA ALA A 41 -6.19 4.37 10.05
C ALA A 41 -6.30 3.03 10.75
N LEU A 42 -7.45 2.36 10.61
CA LEU A 42 -7.78 1.21 11.44
C LEU A 42 -8.37 0.11 10.58
N ILE A 43 -7.81 -1.09 10.64
CA ILE A 43 -8.36 -2.27 9.98
C ILE A 43 -8.90 -3.22 11.04
N MET A 44 -10.22 -3.34 11.13
CA MET A 44 -10.91 -4.00 12.25
C MET A 44 -11.12 -5.48 11.94
N ASP A 45 -10.03 -6.24 11.98
CA ASP A 45 -10.01 -7.64 11.57
C ASP A 45 -10.03 -8.53 12.81
N GLY A 46 -10.56 -9.73 12.66
CA GLY A 46 -10.48 -10.77 13.66
C GLY A 46 -11.82 -11.17 14.31
N ASN A 47 -12.95 -10.75 13.74
CA ASN A 47 -14.23 -10.91 14.43
C ASN A 47 -14.73 -12.35 14.40
N ARG A 48 -14.56 -13.07 13.29
CA ARG A 48 -15.06 -14.44 13.24
C ARG A 48 -14.28 -15.36 14.18
N ARG A 49 -12.93 -15.29 14.13
CA ARG A 49 -12.11 -16.11 15.03
C ARG A 49 -12.39 -15.80 16.49
N TRP A 50 -12.66 -14.53 16.82
CA TRP A 50 -13.01 -14.20 18.19
C TRP A 50 -14.25 -14.95 18.61
N ALA A 51 -15.29 -14.92 17.75
CA ALA A 51 -16.52 -15.65 18.03
C ALA A 51 -16.25 -17.13 18.21
N LYS A 52 -15.60 -17.76 17.21
CA LYS A 52 -15.51 -19.22 17.19
C LYS A 52 -14.68 -19.75 18.35
N ASP A 53 -13.70 -18.97 18.82
CA ASP A 53 -12.89 -19.37 19.96
C ASP A 53 -13.73 -19.38 21.25
N LYS A 54 -14.70 -18.48 21.34
CA LYS A 54 -15.56 -18.39 22.52
C LYS A 54 -16.80 -19.27 22.39
N GLY A 55 -16.82 -20.20 21.44
CA GLY A 55 -17.99 -21.04 21.28
C GLY A 55 -19.23 -20.35 20.75
N LEU A 56 -19.13 -19.10 20.28
CA LEU A 56 -20.27 -18.32 19.82
C LEU A 56 -20.45 -18.38 18.31
N GLU A 57 -21.70 -18.16 17.89
CA GLU A 57 -22.00 -18.01 16.47
C GLU A 57 -21.19 -16.87 15.89
N VAL A 58 -20.82 -17.00 14.62
CA VAL A 58 -19.97 -16.02 13.98
C VAL A 58 -20.56 -14.62 14.09
N TYR A 59 -21.89 -14.50 14.08
CA TYR A 59 -22.51 -13.18 14.07
C TYR A 59 -22.37 -12.45 15.40
N GLU A 60 -22.16 -13.18 16.49
CA GLU A 60 -21.85 -12.51 17.75
C GLU A 60 -20.58 -11.66 17.63
N GLY A 61 -19.61 -12.12 16.83
CA GLY A 61 -18.41 -11.33 16.65
C GLY A 61 -18.68 -10.00 15.97
N HIS A 62 -19.46 -10.02 14.89
CA HIS A 62 -19.73 -8.81 14.13
C HIS A 62 -20.55 -7.79 14.90
N LYS A 63 -21.34 -8.25 15.88
CA LYS A 63 -22.14 -7.32 16.69
C LYS A 63 -21.28 -6.43 17.59
N HIS A 64 -20.00 -6.75 17.77
CA HIS A 64 -19.11 -5.90 18.55
C HIS A 64 -18.41 -4.82 17.73
N ILE A 65 -18.58 -4.80 16.39
CA ILE A 65 -17.80 -3.89 15.56
C ILE A 65 -18.15 -2.44 15.87
N ILE A 66 -19.43 -2.09 15.74
CA ILE A 66 -19.82 -0.70 15.89
C ILE A 66 -19.64 -0.24 17.34
N PRO A 67 -20.07 -1.00 18.36
CA PRO A 67 -19.83 -0.56 19.75
C PRO A 67 -18.36 -0.36 20.08
N LYS A 68 -17.51 -1.29 19.62
CA LYS A 68 -16.08 -1.14 19.89
C LYS A 68 -15.53 0.10 19.20
N LEU A 69 -15.98 0.35 17.97
CA LEU A 69 -15.50 1.50 17.24
C LEU A 69 -15.88 2.80 17.94
N LYS A 70 -17.13 2.88 18.44
CA LYS A 70 -17.53 4.06 19.21
C LYS A 70 -16.69 4.22 20.47
N GLU A 71 -16.42 3.11 21.16
CA GLU A 71 -15.53 3.17 22.31
C GLU A 71 -14.13 3.67 21.92
N ILE A 72 -13.61 3.21 20.78
CA ILE A 72 -12.28 3.70 20.38
C ILE A 72 -12.32 5.17 20.01
N CYS A 73 -13.42 5.66 19.43
CA CYS A 73 -13.52 7.09 19.16
C CYS A 73 -13.50 7.92 20.45
N ASP A 74 -14.18 7.46 21.51
CA ASP A 74 -14.20 8.23 22.74
C ASP A 74 -12.81 8.28 23.38
N ILE A 75 -12.08 7.16 23.38
CA ILE A 75 -10.73 7.16 23.93
C ILE A 75 -9.81 8.05 23.09
N SER A 76 -9.92 7.97 21.77
CA SER A 76 -8.99 8.71 20.91
C SER A 76 -9.23 10.20 21.03
N SER A 77 -10.50 10.60 21.14
CA SER A 77 -10.83 12.00 21.32
C SER A 77 -10.13 12.59 22.53
N LYS A 78 -10.04 11.82 23.63
CA LYS A 78 -9.39 12.32 24.84
C LYS A 78 -7.88 12.42 24.68
N LEU A 79 -7.27 11.59 23.82
CA LEU A 79 -5.84 11.62 23.58
C LEU A 79 -5.40 12.75 22.66
N GLY A 80 -6.34 13.44 22.01
CA GLY A 80 -6.00 14.48 21.05
C GLY A 80 -6.04 14.07 19.59
N ILE A 81 -6.38 12.81 19.29
CA ILE A 81 -6.48 12.35 17.90
C ILE A 81 -7.67 13.03 17.21
N GLN A 82 -7.45 13.47 15.96
CA GLN A 82 -8.44 14.26 15.24
C GLN A 82 -9.22 13.50 14.18
N ILE A 83 -8.60 12.53 13.51
CA ILE A 83 -9.27 11.73 12.48
C ILE A 83 -9.04 10.25 12.75
N ILE A 84 -10.06 9.44 12.50
CA ILE A 84 -9.93 7.98 12.44
C ILE A 84 -10.63 7.51 11.15
N THR A 85 -9.94 6.74 10.32
CA THR A 85 -10.52 6.10 9.15
C THR A 85 -10.51 4.59 9.39
N ALA A 86 -11.70 3.97 9.36
CA ALA A 86 -11.88 2.59 9.80
C ALA A 86 -12.47 1.74 8.68
N PHE A 87 -11.89 0.56 8.45
CA PHE A 87 -12.27 -0.33 7.36
C PHE A 87 -13.39 -1.24 7.85
N ALA A 88 -14.61 -1.02 7.37
CA ALA A 88 -15.76 -1.80 7.85
C ALA A 88 -16.20 -2.88 6.86
N PHE A 89 -15.98 -2.68 5.56
CA PHE A 89 -16.44 -3.61 4.54
C PHE A 89 -15.68 -3.27 3.27
N SER A 90 -14.94 -4.24 2.70
CA SER A 90 -14.15 -4.00 1.49
C SER A 90 -14.90 -4.47 0.25
N THR A 91 -14.46 -4.00 -0.94
CA THR A 91 -15.04 -4.44 -2.20
C THR A 91 -14.84 -5.93 -2.47
N GLU A 92 -14.04 -6.61 -1.63
CA GLU A 92 -13.82 -8.04 -1.80
C GLU A 92 -14.64 -8.86 -0.82
N ASN A 93 -15.29 -8.23 0.16
CA ASN A 93 -16.10 -8.99 1.10
C ASN A 93 -17.41 -9.47 0.50
N TRP A 94 -17.79 -8.98 -0.67
CA TRP A 94 -18.93 -9.51 -1.40
C TRP A 94 -18.79 -11.00 -1.73
N LYS A 95 -17.60 -11.60 -1.53
CA LYS A 95 -17.40 -13.02 -1.84
C LYS A 95 -17.81 -13.95 -0.70
N ARG A 96 -18.11 -13.42 0.47
CA ARG A 96 -18.59 -14.27 1.56
C ARG A 96 -20.01 -14.73 1.22
N SER A 97 -20.61 -15.51 2.12
CA SER A 97 -21.93 -16.09 1.83
C SER A 97 -22.98 -15.00 1.77
N LYS A 98 -24.08 -15.28 1.06
CA LYS A 98 -25.20 -14.37 1.06
C LYS A 98 -25.66 -14.09 2.48
N GLU A 99 -25.75 -15.13 3.30
CA GLU A 99 -26.19 -14.95 4.68
C GLU A 99 -25.27 -14.00 5.42
N GLU A 100 -23.95 -14.15 5.23
CA GLU A 100 -23.05 -13.30 6.00
C GLU A 100 -23.11 -11.86 5.50
N VAL A 101 -23.16 -11.67 4.17
CA VAL A 101 -23.24 -10.33 3.60
C VAL A 101 -24.53 -9.62 4.03
N ASP A 102 -25.67 -10.33 3.97
CA ASP A 102 -26.95 -9.69 4.30
C ASP A 102 -26.99 -9.27 5.78
N PHE A 103 -26.52 -10.14 6.68
CA PHE A 103 -26.42 -9.78 8.09
C PHE A 103 -25.59 -8.51 8.30
N LEU A 104 -24.46 -8.39 7.58
CA LEU A 104 -23.58 -7.25 7.79
C LEU A 104 -24.18 -5.96 7.23
N LEU A 105 -24.70 -5.99 6.00
CA LEU A 105 -25.30 -4.77 5.48
C LEU A 105 -26.52 -4.37 6.29
N GLN A 106 -27.24 -5.36 6.84
CA GLN A 106 -28.35 -5.04 7.72
C GLN A 106 -27.82 -4.44 9.03
N MET A 107 -26.78 -5.07 9.61
CA MET A 107 -26.23 -4.63 10.88
C MET A 107 -25.61 -3.23 10.80
N PHE A 108 -25.17 -2.79 9.61
CA PHE A 108 -24.53 -1.48 9.55
C PHE A 108 -25.51 -0.34 9.67
N GLU A 109 -26.82 -0.62 9.60
CA GLU A 109 -27.81 0.41 9.91
C GLU A 109 -27.69 0.89 11.34
N GLU A 110 -27.25 0.03 12.26
CA GLU A 110 -26.95 0.44 13.63
C GLU A 110 -26.01 1.64 13.75
N ILE A 111 -25.34 2.02 12.65
CA ILE A 111 -24.48 3.20 12.69
C ILE A 111 -25.28 4.45 13.07
N TYR A 112 -26.54 4.52 12.62
CA TYR A 112 -27.38 5.67 12.97
C TYR A 112 -27.64 5.69 14.47
N ASP A 113 -28.06 4.55 15.03
CA ASP A 113 -28.31 4.46 16.47
C ASP A 113 -27.09 4.85 17.28
N GLU A 114 -25.93 4.30 16.95
CA GLU A 114 -24.76 4.46 17.80
C GLU A 114 -24.18 5.87 17.76
N PHE A 115 -24.32 6.59 16.65
CA PHE A 115 -23.56 7.82 16.43
C PHE A 115 -24.39 9.09 16.26
N SER A 116 -25.66 9.00 15.84
CA SER A 116 -26.42 10.23 15.54
C SER A 116 -26.49 11.20 16.70
N ARG A 117 -26.46 10.71 17.95
CA ARG A 117 -26.56 11.56 19.11
C ARG A 117 -25.27 11.59 19.93
N SER A 118 -24.12 11.32 19.31
CA SER A 118 -22.83 11.35 19.97
C SER A 118 -22.14 12.68 19.70
N GLY A 119 -20.87 12.80 20.10
CA GLY A 119 -20.09 13.98 19.77
C GLY A 119 -19.17 13.82 18.58
N VAL A 120 -19.25 12.69 17.87
CA VAL A 120 -18.38 12.38 16.74
C VAL A 120 -19.01 12.90 15.45
N ARG A 121 -18.20 13.48 14.57
CA ARG A 121 -18.60 13.79 13.20
C ARG A 121 -18.27 12.62 12.28
N VAL A 122 -19.25 12.18 11.48
CA VAL A 122 -19.18 10.88 10.81
C VAL A 122 -19.38 11.04 9.31
N SER A 123 -18.47 10.46 8.52
CA SER A 123 -18.52 10.41 7.06
C SER A 123 -18.34 8.98 6.57
N ILE A 124 -18.89 8.67 5.39
CA ILE A 124 -18.74 7.34 4.81
C ILE A 124 -18.10 7.50 3.43
N ILE A 125 -17.06 6.73 3.16
CA ILE A 125 -16.43 6.64 1.84
C ILE A 125 -16.70 5.24 1.29
N GLY A 126 -16.73 5.13 -0.03
CA GLY A 126 -17.15 3.92 -0.69
C GLY A 126 -18.24 4.19 -1.72
N CYS A 127 -18.55 3.12 -2.47
CA CYS A 127 -19.61 3.13 -3.47
C CYS A 127 -20.94 2.86 -2.78
N LYS A 128 -21.64 3.94 -2.43
CA LYS A 128 -22.88 3.80 -1.68
C LYS A 128 -24.00 3.21 -2.54
N SER A 129 -23.99 3.45 -3.84
CA SER A 129 -25.12 3.06 -4.69
C SER A 129 -25.25 1.55 -4.87
N ASP A 130 -24.23 0.77 -4.51
CA ASP A 130 -24.35 -0.69 -4.44
C ASP A 130 -25.08 -1.18 -3.20
N LEU A 131 -25.28 -0.32 -2.19
CA LEU A 131 -25.84 -0.79 -0.93
C LEU A 131 -27.38 -0.83 -0.99
N PRO A 132 -28.01 -1.58 -0.09
CA PRO A 132 -29.47 -1.48 0.07
C PRO A 132 -29.92 -0.04 0.33
N MET A 133 -30.96 0.39 -0.41
CA MET A 133 -31.47 1.76 -0.30
C MET A 133 -31.74 2.16 1.14
N THR A 134 -32.13 1.19 2.00
CA THR A 134 -32.32 1.47 3.41
C THR A 134 -31.02 1.88 4.09
N LEU A 135 -29.93 1.14 3.84
CA LEU A 135 -28.62 1.51 4.41
C LEU A 135 -28.15 2.86 3.86
N GLN A 136 -28.44 3.15 2.59
CA GLN A 136 -28.07 4.45 2.02
C GLN A 136 -28.75 5.58 2.78
N LYS A 137 -29.94 5.32 3.31
CA LYS A 137 -30.70 6.33 4.01
C LYS A 137 -30.16 6.53 5.42
N CYS A 138 -29.91 5.43 6.13
CA CYS A 138 -29.25 5.52 7.44
C CYS A 138 -27.93 6.28 7.34
N ILE A 139 -27.14 6.00 6.28
CA ILE A 139 -25.86 6.68 6.11
C ILE A 139 -26.07 8.17 5.90
N ALA A 140 -26.96 8.53 4.95
CA ALA A 140 -27.21 9.94 4.68
C ALA A 140 -27.76 10.66 5.92
N LEU A 141 -28.54 9.97 6.73
CA LEU A 141 -29.06 10.60 7.95
C LEU A 141 -27.96 10.76 8.99
N THR A 142 -27.09 9.75 9.14
CA THR A 142 -25.98 9.84 10.09
C THR A 142 -25.03 10.98 9.72
N GLU A 143 -24.69 11.11 8.44
CA GLU A 143 -23.85 12.23 8.01
C GLU A 143 -24.55 13.57 8.27
N GLU A 144 -25.84 13.64 7.98
CA GLU A 144 -26.60 14.89 8.19
C GLU A 144 -26.64 15.30 9.65
N THR A 145 -27.03 14.40 10.57
CA THR A 145 -27.23 14.83 11.95
C THR A 145 -25.91 15.18 12.66
N THR A 146 -24.79 14.58 12.23
CA THR A 146 -23.52 14.81 12.91
C THR A 146 -22.65 15.87 12.24
N LYS A 147 -23.07 16.44 11.11
CA LYS A 147 -22.16 17.26 10.30
C LYS A 147 -21.59 18.44 11.08
N GLY A 148 -22.28 18.90 12.12
CA GLY A 148 -21.83 20.05 12.89
C GLY A 148 -20.97 19.75 14.08
N ASN A 149 -20.74 18.47 14.41
CA ASN A 149 -19.94 18.12 15.56
C ASN A 149 -18.49 18.56 15.38
N LYS A 150 -17.94 19.17 16.43
CA LYS A 150 -16.61 19.74 16.43
C LYS A 150 -15.54 18.76 16.90
N GLY A 151 -15.94 17.56 17.33
CA GLY A 151 -14.95 16.68 17.91
C GLY A 151 -14.14 15.93 16.87
N LEU A 152 -13.92 14.66 17.19
CA LEU A 152 -13.19 13.76 16.33
C LEU A 152 -13.97 13.50 15.05
N HIS A 153 -13.27 13.41 13.93
CA HIS A 153 -13.89 13.06 12.66
C HIS A 153 -13.70 11.57 12.41
N LEU A 154 -14.80 10.83 12.32
CA LEU A 154 -14.75 9.38 12.05
C LEU A 154 -15.15 9.11 10.61
N VAL A 155 -14.22 8.57 9.82
CA VAL A 155 -14.51 8.19 8.43
C VAL A 155 -14.67 6.67 8.36
N ILE A 156 -15.84 6.20 7.91
CA ILE A 156 -16.10 4.77 7.83
C ILE A 156 -16.08 4.34 6.37
N ALA A 157 -15.16 3.43 6.04
CA ALA A 157 -15.01 2.90 4.70
C ALA A 157 -15.93 1.70 4.52
N LEU A 158 -17.03 1.88 3.80
CA LEU A 158 -18.04 0.85 3.60
C LEU A 158 -18.15 0.60 2.11
N ASN A 159 -17.96 -0.65 1.70
CA ASN A 159 -17.86 -0.99 0.28
C ASN A 159 -16.78 -0.15 -0.39
N TYR A 160 -15.61 -0.14 0.24
CA TYR A 160 -14.51 0.70 -0.18
C TYR A 160 -13.31 -0.17 -0.57
N GLY A 161 -12.45 0.36 -1.42
CA GLY A 161 -11.21 -0.32 -1.76
C GLY A 161 -10.24 0.68 -2.36
N GLY A 162 -8.95 0.41 -2.17
CA GLY A 162 -7.95 1.30 -2.73
C GLY A 162 -7.95 1.34 -4.25
N TYR A 163 -8.15 0.18 -4.90
CA TYR A 163 -8.35 0.14 -6.35
C TYR A 163 -9.51 1.06 -6.78
N TYR A 164 -10.70 0.82 -6.20
CA TYR A 164 -11.88 1.64 -6.45
C TYR A 164 -11.61 3.14 -6.32
N ASP A 165 -10.93 3.56 -5.24
CA ASP A 165 -10.74 5.00 -4.99
C ASP A 165 -9.82 5.62 -6.03
N ILE A 166 -8.79 4.91 -6.46
CA ILE A 166 -7.89 5.43 -7.48
C ILE A 166 -8.58 5.44 -8.85
N LEU A 167 -9.39 4.41 -9.15
CA LEU A 167 -10.14 4.39 -10.41
C LEU A 167 -11.14 5.54 -10.46
N GLN A 168 -11.91 5.77 -9.38
CA GLN A 168 -12.90 6.85 -9.47
C GLN A 168 -12.23 8.23 -9.51
N ALA A 169 -11.07 8.39 -8.87
CA ALA A 169 -10.34 9.64 -9.03
C ALA A 169 -9.91 9.84 -10.49
N THR A 170 -9.50 8.76 -11.17
CA THR A 170 -9.05 8.87 -12.56
C THR A 170 -10.20 9.24 -13.50
N LYS A 171 -11.33 8.53 -13.41
CA LYS A 171 -12.49 8.91 -14.21
C LYS A 171 -12.85 10.39 -14.01
N SER A 172 -12.81 10.87 -12.77
CA SER A 172 -13.12 12.28 -12.55
C SER A 172 -12.09 13.17 -13.25
N ILE A 173 -10.80 12.81 -13.17
CA ILE A 173 -9.78 13.60 -13.88
C ILE A 173 -10.02 13.55 -15.39
N VAL A 174 -10.37 12.37 -15.91
CA VAL A 174 -10.63 12.24 -17.36
C VAL A 174 -11.79 13.14 -17.80
N ASN A 175 -12.85 13.22 -17.00
CA ASN A 175 -14.00 14.06 -17.39
C ASN A 175 -13.65 15.53 -17.35
N LYS A 176 -12.83 15.96 -16.38
CA LYS A 176 -12.40 17.35 -16.37
C LYS A 176 -11.59 17.68 -17.61
N ALA A 177 -10.73 16.74 -18.05
CA ALA A 177 -9.96 16.99 -19.27
C ALA A 177 -10.90 17.13 -20.46
N MET A 178 -11.85 16.21 -20.59
CA MET A 178 -12.76 16.24 -21.73
C MET A 178 -13.68 17.45 -21.70
N ASN A 179 -13.81 18.12 -20.55
CA ASN A 179 -14.54 19.37 -20.46
C ASN A 179 -13.61 20.59 -20.48
N GLY A 180 -12.36 20.42 -20.93
CA GLY A 180 -11.45 21.55 -21.07
C GLY A 180 -11.06 22.24 -19.78
N LEU A 181 -11.06 21.53 -18.66
CA LEU A 181 -10.72 22.17 -17.40
C LEU A 181 -9.28 21.96 -16.97
N LEU A 182 -8.58 20.99 -17.57
CA LEU A 182 -7.16 20.84 -17.27
C LEU A 182 -6.47 20.15 -18.43
N ASP A 183 -5.14 20.27 -18.47
CA ASP A 183 -4.33 19.56 -19.45
C ASP A 183 -3.59 18.42 -18.76
N VAL A 184 -3.14 17.47 -19.57
CA VAL A 184 -2.34 16.37 -19.06
C VAL A 184 -1.13 16.89 -18.29
N GLU A 185 -0.58 18.05 -18.70
CA GLU A 185 0.60 18.55 -18.00
C GLU A 185 0.25 19.11 -16.62
N ASP A 186 -1.04 19.22 -16.28
CA ASP A 186 -1.47 19.67 -14.97
C ASP A 186 -1.65 18.52 -13.99
N ILE A 187 -1.52 17.27 -14.44
CA ILE A 187 -1.82 16.13 -13.58
C ILE A 187 -0.63 15.91 -12.64
N ASN A 188 -0.87 16.03 -11.34
CA ASN A 188 0.19 15.86 -10.36
C ASN A 188 -0.38 15.33 -9.05
N LYS A 189 0.51 15.20 -8.06
CA LYS A 189 0.16 14.67 -6.74
C LYS A 189 -0.96 15.48 -6.07
N ASN A 190 -0.92 16.81 -6.18
CA ASN A 190 -1.93 17.64 -5.51
C ASN A 190 -3.30 17.48 -6.14
N LEU A 191 -3.38 17.54 -7.47
CA LEU A 191 -4.66 17.35 -8.15
C LEU A 191 -5.23 15.98 -7.82
N PHE A 192 -4.37 14.95 -7.81
CA PHE A 192 -4.85 13.60 -7.55
C PHE A 192 -5.39 13.46 -6.15
N ASP A 193 -4.70 14.04 -5.15
CA ASP A 193 -5.19 14.00 -3.78
C ASP A 193 -6.60 14.55 -3.67
N GLN A 194 -6.89 15.67 -4.35
CA GLN A 194 -8.17 16.36 -4.19
C GLN A 194 -9.32 15.65 -4.89
N GLU A 195 -9.05 14.60 -5.67
CA GLU A 195 -10.12 13.82 -6.28
C GLU A 195 -10.43 12.54 -5.52
N LEU A 196 -9.58 12.13 -4.58
CA LEU A 196 -9.70 10.87 -3.85
C LEU A 196 -10.74 11.02 -2.73
N GLU A 197 -11.35 9.90 -2.31
CA GLU A 197 -12.36 10.03 -1.26
C GLU A 197 -11.74 10.27 0.12
N SER A 198 -10.57 9.72 0.38
CA SER A 198 -9.81 10.01 1.59
C SER A 198 -8.70 10.98 1.23
N LYS A 199 -8.73 12.19 1.79
CA LYS A 199 -7.81 13.24 1.39
C LYS A 199 -6.82 13.57 2.49
N CYS A 200 -5.98 14.57 2.21
CA CYS A 200 -5.00 15.02 3.18
C CYS A 200 -5.70 15.62 4.38
N PRO A 201 -5.09 15.53 5.55
CA PRO A 201 -3.81 14.88 5.86
C PRO A 201 -3.95 13.35 5.90
N ASN A 202 -2.95 12.61 5.39
CA ASN A 202 -3.02 11.16 5.28
C ASN A 202 -2.78 10.53 6.66
N PRO A 203 -3.10 9.24 6.84
CA PRO A 203 -2.88 8.61 8.16
C PRO A 203 -1.41 8.57 8.54
N ASP A 204 -1.12 8.97 9.79
CA ASP A 204 0.24 8.89 10.34
C ASP A 204 0.58 7.47 10.80
N LEU A 205 -0.43 6.73 11.25
CA LEU A 205 -0.27 5.44 11.86
C LEU A 205 -1.39 4.55 11.36
N LEU A 206 -1.06 3.30 11.03
CA LEU A 206 -2.04 2.29 10.68
C LEU A 206 -1.99 1.19 11.73
N ILE A 207 -3.17 0.82 12.24
CA ILE A 207 -3.31 -0.24 13.23
C ILE A 207 -4.17 -1.34 12.64
N ARG A 208 -3.63 -2.54 12.52
CA ARG A 208 -4.39 -3.69 12.07
C ARG A 208 -4.40 -4.75 13.18
N THR A 209 -5.58 -5.01 13.71
CA THR A 209 -5.85 -6.11 14.61
C THR A 209 -6.04 -7.40 13.81
N GLY A 210 -5.97 -8.54 14.50
CA GLY A 210 -6.30 -9.81 13.88
C GLY A 210 -5.14 -10.67 13.45
N GLY A 211 -3.91 -10.17 13.58
CA GLY A 211 -2.75 -11.01 13.41
C GLY A 211 -2.13 -11.03 12.01
N GLU A 212 -2.81 -10.52 10.98
CA GLU A 212 -2.30 -10.66 9.60
C GLU A 212 -1.49 -9.44 9.22
N GLN A 213 -0.47 -9.64 8.37
CA GLN A 213 0.46 -8.57 8.00
C GLN A 213 0.33 -8.24 6.51
N ARG A 214 -0.63 -7.37 6.18
CA ARG A 214 -1.06 -7.03 4.82
C ARG A 214 -2.10 -5.93 4.96
N VAL A 215 -2.34 -5.18 3.89
CA VAL A 215 -3.29 -4.09 3.97
C VAL A 215 -4.65 -4.42 3.37
N SER A 216 -4.75 -5.49 2.58
CA SER A 216 -6.04 -5.95 2.04
C SER A 216 -6.78 -4.85 1.26
N ASN A 217 -6.08 -4.19 0.31
CA ASN A 217 -6.76 -3.19 -0.56
C ASN A 217 -7.50 -2.10 0.26
N PHE A 218 -6.89 -1.63 1.35
CA PHE A 218 -7.37 -0.48 2.09
C PHE A 218 -6.91 0.82 1.41
N LEU A 219 -6.39 1.80 2.15
CA LEU A 219 -6.05 3.14 1.62
C LEU A 219 -4.68 3.13 0.92
N LEU A 220 -4.64 2.59 -0.31
CA LEU A 220 -3.35 2.34 -0.98
C LEU A 220 -2.52 3.61 -1.16
N TRP A 221 -3.10 4.63 -1.81
CA TRP A 221 -2.31 5.84 -2.10
C TRP A 221 -2.00 6.59 -0.81
N GLN A 222 -2.96 6.64 0.10
CA GLN A 222 -2.85 7.42 1.30
C GLN A 222 -1.83 6.84 2.29
N LEU A 223 -1.40 5.59 2.13
CA LEU A 223 -0.55 4.93 3.12
C LEU A 223 0.92 4.95 2.74
N ALA A 224 1.31 5.79 1.78
CA ALA A 224 2.66 5.74 1.22
C ALA A 224 3.75 5.88 2.29
N TYR A 225 3.51 6.72 3.30
CA TYR A 225 4.49 7.00 4.34
C TYR A 225 3.97 6.68 5.73
N THR A 226 2.85 5.98 5.81
CA THR A 226 2.24 5.64 7.08
C THR A 226 3.06 4.57 7.81
N GLU A 227 3.12 4.68 9.15
CA GLU A 227 3.74 3.63 9.98
C GLU A 227 2.77 2.46 10.14
N PHE A 228 3.24 1.25 9.88
CA PHE A 228 2.42 0.04 9.96
C PHE A 228 2.57 -0.61 11.33
N TYR A 229 1.45 -0.78 12.04
CA TYR A 229 1.44 -1.44 13.34
C TYR A 229 0.48 -2.62 13.27
N PHE A 230 1.01 -3.84 13.33
CA PHE A 230 0.22 -5.05 13.33
C PHE A 230 0.25 -5.67 14.72
N THR A 231 -0.92 -6.13 15.18
CA THR A 231 -1.06 -6.78 16.47
C THR A 231 -1.89 -8.06 16.35
N ASN A 232 -1.62 -9.04 17.22
CA ASN A 232 -2.40 -10.27 17.20
C ASN A 232 -3.74 -10.13 17.92
N THR A 233 -3.90 -9.10 18.74
CA THR A 233 -5.16 -8.85 19.44
C THR A 233 -6.33 -8.80 18.46
N LEU A 234 -7.34 -9.65 18.68
CA LEU A 234 -8.54 -9.62 17.85
C LEU A 234 -9.34 -8.36 18.15
N PHE A 235 -10.08 -7.88 17.15
CA PHE A 235 -10.70 -6.57 17.28
C PHE A 235 -11.60 -6.47 18.51
N PRO A 236 -12.54 -7.40 18.77
CA PRO A 236 -13.38 -7.24 19.97
C PRO A 236 -12.58 -7.19 21.28
N ASP A 237 -11.33 -7.63 21.31
CA ASP A 237 -10.51 -7.48 22.53
C ASP A 237 -9.66 -6.21 22.54
N PHE A 238 -9.67 -5.41 21.47
CA PHE A 238 -8.81 -4.22 21.38
C PHE A 238 -9.33 -3.15 22.35
N GLY A 239 -8.53 -2.84 23.37
CA GLY A 239 -8.93 -1.89 24.39
C GLY A 239 -7.97 -0.70 24.50
N GLU A 240 -8.28 0.14 25.47
CA GLU A 240 -7.51 1.36 25.72
C GLU A 240 -6.01 1.09 25.83
N GLU A 241 -5.63 0.01 26.51
CA GLU A 241 -4.21 -0.26 26.71
C GLU A 241 -3.53 -0.75 25.42
N ASP A 242 -4.25 -1.53 24.60
CA ASP A 242 -3.68 -1.90 23.32
C ASP A 242 -3.48 -0.66 22.46
N LEU A 243 -4.40 0.30 22.56
CA LEU A 243 -4.26 1.52 21.77
C LEU A 243 -3.09 2.37 22.25
N LYS A 244 -2.89 2.44 23.58
CA LYS A 244 -1.76 3.22 24.11
C LYS A 244 -0.42 2.56 23.76
N GLU A 245 -0.39 1.23 23.71
CA GLU A 245 0.84 0.57 23.31
C GLU A 245 1.19 0.89 21.85
N ALA A 246 0.18 0.91 20.97
CA ALA A 246 0.43 1.22 19.55
C ALA A 246 0.96 2.63 19.38
N ILE A 247 0.35 3.60 20.08
CA ILE A 247 0.83 4.98 20.02
C ILE A 247 2.24 5.10 20.58
N MET A 248 2.58 4.33 21.63
CA MET A 248 3.93 4.39 22.17
C MET A 248 4.94 3.82 21.18
N ASN A 249 4.57 2.74 20.48
CA ASN A 249 5.41 2.22 19.40
C ASN A 249 5.67 3.29 18.35
N PHE A 250 4.62 4.01 17.97
CA PHE A 250 4.73 5.06 16.96
C PHE A 250 5.73 6.13 17.38
N GLN A 251 5.65 6.57 18.64
CA GLN A 251 6.55 7.61 19.13
C GLN A 251 7.99 7.14 19.15
N GLN A 252 8.21 5.85 19.40
CA GLN A 252 9.56 5.30 19.35
C GLN A 252 10.09 5.30 17.93
N ARG A 253 9.27 4.85 16.97
CA ARG A 253 9.68 4.86 15.57
C ARG A 253 10.09 6.26 15.14
N HIS A 254 9.41 7.29 15.63
CA HIS A 254 9.69 8.66 15.19
C HIS A 254 11.04 9.15 15.72
N ARG A 255 11.42 8.76 16.94
CA ARG A 255 12.76 9.09 17.41
C ARG A 255 13.82 8.38 16.59
N ARG A 256 13.54 7.15 16.17
CA ARG A 256 14.50 6.35 15.43
C ARG A 256 14.76 6.89 14.04
N PHE A 257 13.70 7.15 13.25
CA PHE A 257 13.81 7.52 11.83
C PHE A 257 13.21 8.92 11.63
N GLY A 258 13.90 9.95 12.10
CA GLY A 258 13.40 11.31 11.96
C GLY A 258 14.45 12.40 11.88
N SER B 12 -20.67 7.45 -11.78
CA SER B 12 -21.47 6.29 -11.35
C SER B 12 -20.59 5.06 -11.11
N CYS B 13 -20.79 4.40 -9.97
CA CYS B 13 -19.93 3.32 -9.50
C CYS B 13 -20.73 2.03 -9.33
N SER B 14 -20.04 0.91 -9.55
CA SER B 14 -20.66 -0.40 -9.30
C SER B 14 -19.56 -1.42 -9.09
N LEU B 15 -19.61 -2.12 -7.93
CA LEU B 15 -18.52 -2.99 -7.52
C LEU B 15 -18.95 -4.30 -6.87
N ASN B 16 -20.25 -4.58 -6.74
CA ASN B 16 -20.65 -5.72 -5.93
C ASN B 16 -20.63 -7.02 -6.72
N LEU B 17 -21.34 -7.08 -7.84
CA LEU B 17 -21.32 -8.27 -8.68
C LEU B 17 -20.11 -8.30 -9.62
N GLN B 18 -19.17 -7.38 -9.44
CA GLN B 18 -17.99 -7.35 -10.30
C GLN B 18 -17.10 -8.54 -10.02
N THR B 19 -16.16 -8.78 -10.94
CA THR B 19 -15.49 -10.05 -11.09
C THR B 19 -14.38 -10.24 -10.04
N GLU B 20 -13.67 -11.37 -10.17
CA GLU B 20 -12.48 -11.66 -9.37
C GLU B 20 -11.26 -11.43 -10.27
N LYS B 21 -10.37 -10.55 -9.84
CA LYS B 21 -9.42 -9.89 -10.74
C LYS B 21 -8.11 -9.59 -10.01
N LEU B 22 -7.48 -10.62 -9.43
CA LEU B 22 -6.36 -10.43 -8.52
C LEU B 22 -5.15 -11.22 -9.01
N CYS B 23 -4.00 -10.54 -9.06
CA CYS B 23 -2.78 -11.08 -9.69
C CYS B 23 -1.82 -11.60 -8.62
N TYR B 24 -2.23 -12.66 -7.93
CA TYR B 24 -1.42 -13.17 -6.83
C TYR B 24 -1.35 -14.69 -6.86
N GLU B 25 -0.46 -15.23 -6.03
CA GLU B 25 -0.11 -16.66 -5.88
C GLU B 25 0.11 -17.35 -7.21
N LEU B 35 2.86 -22.42 -2.36
CA LEU B 35 3.91 -22.76 -1.41
C LEU B 35 5.19 -21.98 -1.69
N MET B 36 5.36 -21.49 -2.92
CA MET B 36 6.48 -20.65 -3.26
C MET B 36 5.97 -19.32 -3.79
N PRO B 37 6.44 -18.18 -3.28
CA PRO B 37 6.11 -16.90 -3.91
C PRO B 37 6.64 -16.88 -5.34
N LYS B 38 5.79 -16.46 -6.27
CA LYS B 38 6.26 -16.29 -7.64
C LYS B 38 7.01 -14.98 -7.78
N HIS B 39 6.60 -13.95 -7.04
CA HIS B 39 7.17 -12.62 -7.13
C HIS B 39 7.45 -12.10 -5.72
N ILE B 40 8.69 -11.70 -5.47
CA ILE B 40 9.10 -11.06 -4.22
C ILE B 40 9.54 -9.62 -4.52
N ALA B 41 9.01 -8.67 -3.75
CA ALA B 41 9.51 -7.30 -3.75
C ALA B 41 10.46 -7.10 -2.56
N LEU B 42 11.43 -6.20 -2.74
CA LEU B 42 12.55 -6.12 -1.79
C LEU B 42 12.94 -4.67 -1.60
N ILE B 43 12.96 -4.22 -0.35
CA ILE B 43 13.41 -2.89 0.00
C ILE B 43 14.72 -3.08 0.75
N MET B 44 15.80 -2.52 0.23
CA MET B 44 17.15 -2.87 0.66
C MET B 44 17.64 -1.78 1.60
N ASP B 45 17.33 -1.90 2.88
CA ASP B 45 17.63 -0.85 3.84
C ASP B 45 18.72 -1.30 4.81
N GLY B 46 19.45 -0.33 5.35
CA GLY B 46 20.46 -0.57 6.38
C GLY B 46 21.93 -0.40 6.02
N ASN B 47 22.23 0.16 4.84
CA ASN B 47 23.60 0.17 4.33
C ASN B 47 24.49 1.18 5.06
N ARG B 48 23.98 2.38 5.32
CA ARG B 48 24.82 3.37 6.01
C ARG B 48 25.12 2.92 7.43
N ARG B 49 24.11 2.38 8.13
CA ARG B 49 24.33 1.90 9.49
C ARG B 49 25.34 0.76 9.53
N TRP B 50 25.33 -0.10 8.51
CA TRP B 50 26.23 -1.24 8.49
C TRP B 50 27.68 -0.81 8.37
N ALA B 51 27.95 0.26 7.61
CA ALA B 51 29.30 0.81 7.55
C ALA B 51 29.78 1.29 8.91
N LYS B 52 28.94 2.04 9.62
CA LYS B 52 29.33 2.57 10.92
C LYS B 52 29.65 1.46 11.92
N ASP B 53 28.75 0.47 12.04
CA ASP B 53 28.90 -0.54 13.09
C ASP B 53 30.17 -1.36 12.91
N LYS B 54 30.52 -1.66 11.66
CA LYS B 54 31.79 -2.35 11.41
C LYS B 54 32.95 -1.36 11.43
N GLY B 55 32.79 -0.21 10.79
CA GLY B 55 33.77 0.87 10.89
C GLY B 55 34.09 1.58 9.58
N LEU B 56 33.80 0.94 8.45
CA LEU B 56 34.21 1.47 7.15
C LEU B 56 33.54 2.81 6.85
N GLU B 57 33.96 3.42 5.74
CA GLU B 57 33.27 4.61 5.26
C GLU B 57 31.84 4.25 4.88
N VAL B 58 30.96 5.26 4.91
CA VAL B 58 29.61 5.05 4.43
C VAL B 58 29.60 4.86 2.92
N TYR B 59 30.71 5.17 2.24
CA TYR B 59 30.86 4.72 0.86
C TYR B 59 30.63 3.23 0.77
N GLU B 60 31.25 2.47 1.67
CA GLU B 60 31.10 1.03 1.73
C GLU B 60 29.71 0.66 2.26
N GLY B 61 29.40 -0.63 2.22
CA GLY B 61 28.03 -1.04 2.49
C GLY B 61 27.13 -0.77 1.30
N HIS B 62 27.22 0.43 0.73
CA HIS B 62 26.63 0.66 -0.59
C HIS B 62 27.35 -0.13 -1.67
N LYS B 63 28.62 -0.49 -1.41
CA LYS B 63 29.34 -1.35 -2.34
C LYS B 63 28.76 -2.75 -2.39
N HIS B 64 28.05 -3.20 -1.35
CA HIS B 64 27.61 -4.59 -1.27
C HIS B 64 26.22 -4.81 -1.87
N ILE B 65 25.59 -3.78 -2.44
CA ILE B 65 24.22 -3.93 -2.92
C ILE B 65 24.15 -4.90 -4.09
N ILE B 66 24.99 -4.68 -5.09
CA ILE B 66 24.94 -5.43 -6.34
C ILE B 66 25.37 -6.88 -6.09
N PRO B 67 26.50 -7.14 -5.41
CA PRO B 67 26.85 -8.55 -5.13
C PRO B 67 25.80 -9.28 -4.33
N LYS B 68 25.24 -8.64 -3.29
CA LYS B 68 24.16 -9.27 -2.54
C LYS B 68 22.97 -9.54 -3.44
N LEU B 69 22.67 -8.60 -4.33
CA LEU B 69 21.50 -8.72 -5.19
C LEU B 69 21.64 -9.90 -6.15
N LYS B 70 22.79 -9.99 -6.82
CA LYS B 70 23.11 -11.16 -7.64
C LYS B 70 22.99 -12.44 -6.84
N GLU B 71 23.54 -12.44 -5.61
CA GLU B 71 23.45 -13.62 -4.75
C GLU B 71 21.99 -13.98 -4.46
N ILE B 72 21.17 -12.99 -4.10
CA ILE B 72 19.76 -13.25 -3.79
C ILE B 72 19.04 -13.84 -5.00
N CYS B 73 19.33 -13.33 -6.20
CA CYS B 73 18.69 -13.85 -7.41
C CYS B 73 19.09 -15.30 -7.67
N ASP B 74 20.36 -15.64 -7.38
CA ASP B 74 20.81 -17.02 -7.55
C ASP B 74 20.01 -17.95 -6.65
N ILE B 75 20.03 -17.68 -5.33
CA ILE B 75 19.24 -18.48 -4.40
C ILE B 75 17.78 -18.52 -4.84
N SER B 76 17.18 -17.34 -5.08
CA SER B 76 15.76 -17.27 -5.39
C SER B 76 15.43 -18.10 -6.61
N SER B 77 16.23 -17.94 -7.68
CA SER B 77 16.03 -18.67 -8.92
C SER B 77 16.02 -20.17 -8.69
N LYS B 78 16.92 -20.65 -7.83
CA LYS B 78 16.97 -22.07 -7.51
C LYS B 78 15.69 -22.55 -6.83
N LEU B 79 15.03 -21.67 -6.07
CA LEU B 79 13.85 -22.06 -5.30
C LEU B 79 12.58 -22.12 -6.13
N GLY B 80 12.56 -21.50 -7.31
CA GLY B 80 11.35 -21.44 -8.10
C GLY B 80 10.73 -20.06 -8.17
N ILE B 81 11.33 -19.08 -7.51
CA ILE B 81 10.88 -17.70 -7.61
C ILE B 81 11.18 -17.16 -9.01
N GLN B 82 10.20 -16.47 -9.59
CA GLN B 82 10.23 -16.06 -10.98
C GLN B 82 10.49 -14.57 -11.20
N ILE B 83 10.18 -13.72 -10.22
CA ILE B 83 10.37 -12.28 -10.36
C ILE B 83 10.87 -11.71 -9.03
N ILE B 84 11.74 -10.71 -9.13
CA ILE B 84 12.18 -9.92 -7.97
C ILE B 84 12.20 -8.46 -8.38
N THR B 85 11.47 -7.61 -7.65
CA THR B 85 11.50 -6.17 -7.83
C THR B 85 12.23 -5.56 -6.63
N ALA B 86 13.34 -4.86 -6.90
CA ALA B 86 14.22 -4.37 -5.84
C ALA B 86 14.22 -2.86 -5.83
N PHE B 87 14.03 -2.27 -4.65
CA PHE B 87 13.87 -0.83 -4.51
C PHE B 87 15.25 -0.22 -4.27
N ALA B 88 15.83 0.36 -5.33
CA ALA B 88 17.17 0.90 -5.23
C ALA B 88 17.18 2.39 -4.91
N PHE B 89 16.29 3.14 -5.53
CA PHE B 89 16.38 4.60 -5.48
C PHE B 89 15.00 5.17 -5.72
N SER B 90 14.43 5.79 -4.69
CA SER B 90 13.09 6.36 -4.78
C SER B 90 13.17 7.74 -5.41
N THR B 91 12.00 8.37 -5.56
CA THR B 91 11.95 9.77 -5.94
C THR B 91 12.29 10.69 -4.77
N GLU B 92 12.38 10.15 -3.56
CA GLU B 92 12.63 11.00 -2.39
C GLU B 92 14.10 11.07 -1.99
N ASN B 93 14.93 10.05 -2.31
CA ASN B 93 16.33 10.13 -1.96
C ASN B 93 17.16 10.85 -3.02
N TRP B 94 16.52 11.65 -3.87
CA TRP B 94 17.24 12.68 -4.61
C TRP B 94 17.69 13.81 -3.71
N LYS B 95 17.15 13.90 -2.49
CA LYS B 95 17.51 14.94 -1.54
C LYS B 95 18.41 14.43 -0.43
N ARG B 96 19.04 13.28 -0.61
CA ARG B 96 20.15 12.88 0.24
C ARG B 96 21.41 13.62 -0.19
N SER B 97 22.52 13.38 0.52
CA SER B 97 23.70 14.24 0.43
C SER B 97 24.17 14.43 -1.00
N LYS B 98 24.73 15.60 -1.27
CA LYS B 98 25.16 15.94 -2.63
C LYS B 98 26.21 14.96 -3.13
N GLU B 99 27.07 14.48 -2.22
CA GLU B 99 28.13 13.55 -2.60
C GLU B 99 27.60 12.13 -2.73
N GLU B 100 26.59 11.76 -1.94
CA GLU B 100 26.11 10.38 -1.90
C GLU B 100 25.26 10.05 -3.12
N VAL B 101 24.54 11.03 -3.66
CA VAL B 101 23.74 10.76 -4.86
C VAL B 101 24.64 10.47 -6.05
N ASP B 102 25.65 11.32 -6.27
CA ASP B 102 26.54 11.14 -7.41
C ASP B 102 27.30 9.80 -7.33
N PHE B 103 27.58 9.33 -6.11
CA PHE B 103 28.27 8.06 -5.95
C PHE B 103 27.38 6.89 -6.39
N LEU B 104 26.15 6.84 -5.84
CA LEU B 104 25.29 5.67 -6.05
C LEU B 104 24.88 5.51 -7.51
N LEU B 105 24.59 6.62 -8.20
CA LEU B 105 24.16 6.49 -9.59
C LEU B 105 25.28 5.94 -10.46
N GLN B 106 26.51 6.35 -10.18
CA GLN B 106 27.64 5.85 -10.96
C GLN B 106 27.97 4.41 -10.59
N MET B 107 27.70 4.00 -9.34
CA MET B 107 28.00 2.63 -8.95
C MET B 107 27.03 1.63 -9.58
N PHE B 108 25.78 2.03 -9.79
CA PHE B 108 24.79 1.11 -10.36
C PHE B 108 25.13 0.73 -11.80
N GLU B 109 26.05 1.46 -12.43
CA GLU B 109 26.48 1.08 -13.77
C GLU B 109 27.10 -0.33 -13.76
N GLU B 110 27.69 -0.73 -12.63
CA GLU B 110 28.30 -2.04 -12.50
C GLU B 110 27.27 -3.17 -12.52
N ILE B 111 26.00 -2.83 -12.73
CA ILE B 111 24.99 -3.85 -13.02
C ILE B 111 25.42 -4.66 -14.24
N TYR B 112 26.01 -4.00 -15.24
CA TYR B 112 26.36 -4.65 -16.49
C TYR B 112 27.32 -5.81 -16.24
N ASP B 113 28.37 -5.58 -15.47
CA ASP B 113 29.36 -6.61 -15.20
C ASP B 113 28.74 -7.84 -14.55
N GLU B 114 27.83 -7.62 -13.60
CA GLU B 114 27.35 -8.71 -12.77
C GLU B 114 26.29 -9.56 -13.47
N PHE B 115 25.52 -8.99 -14.40
CA PHE B 115 24.33 -9.65 -14.91
C PHE B 115 24.36 -9.96 -16.40
N SER B 116 25.24 -9.31 -17.18
CA SER B 116 25.14 -9.41 -18.63
C SER B 116 25.40 -10.83 -19.15
N ARG B 117 26.13 -11.67 -18.41
CA ARG B 117 26.38 -13.03 -18.85
C ARG B 117 25.71 -14.07 -17.96
N SER B 118 24.68 -13.67 -17.21
CA SER B 118 23.93 -14.56 -16.33
C SER B 118 22.73 -15.13 -17.09
N GLY B 119 21.89 -15.87 -16.37
CA GLY B 119 20.64 -16.30 -16.96
C GLY B 119 19.51 -15.37 -16.56
N VAL B 120 19.87 -14.15 -16.11
CA VAL B 120 18.92 -13.23 -15.49
C VAL B 120 18.51 -12.17 -16.51
N ARG B 121 17.19 -12.03 -16.73
CA ARG B 121 16.64 -10.89 -17.44
C ARG B 121 16.49 -9.71 -16.49
N VAL B 122 16.81 -8.51 -16.98
CA VAL B 122 16.93 -7.32 -16.16
C VAL B 122 16.18 -6.17 -16.84
N SER B 123 15.21 -5.59 -16.14
CA SER B 123 14.51 -4.38 -16.56
C SER B 123 14.64 -3.31 -15.49
N ILE B 124 14.52 -2.05 -15.91
CA ILE B 124 14.54 -0.91 -15.01
C ILE B 124 13.22 -0.17 -15.18
N ILE B 125 12.54 0.11 -14.07
CA ILE B 125 11.33 0.93 -14.07
C ILE B 125 11.63 2.25 -13.37
N GLY B 126 10.95 3.30 -13.80
CA GLY B 126 11.18 4.64 -13.31
C GLY B 126 11.33 5.63 -14.46
N CYS B 127 11.49 6.89 -14.06
CA CYS B 127 11.69 7.96 -15.03
C CYS B 127 13.16 7.95 -15.42
N LYS B 128 13.49 7.17 -16.46
CA LYS B 128 14.86 7.06 -16.95
C LYS B 128 15.34 8.38 -17.54
N SER B 129 14.43 9.18 -18.09
CA SER B 129 14.73 10.36 -18.90
C SER B 129 15.40 11.49 -18.13
N ASP B 130 15.59 11.37 -16.82
CA ASP B 130 16.15 12.45 -16.00
C ASP B 130 17.53 12.12 -15.48
N LEU B 131 18.07 10.97 -15.81
CA LEU B 131 19.31 10.46 -15.24
C LEU B 131 20.50 10.94 -16.07
N PRO B 132 21.73 10.69 -15.60
CA PRO B 132 22.89 10.93 -16.46
C PRO B 132 22.81 10.11 -17.74
N MET B 133 23.08 10.76 -18.88
CA MET B 133 23.03 10.09 -20.16
C MET B 133 23.95 8.87 -20.16
N THR B 134 25.05 8.93 -19.43
CA THR B 134 25.89 7.75 -19.22
C THR B 134 25.05 6.61 -18.65
N LEU B 135 24.33 6.87 -17.55
CA LEU B 135 23.52 5.85 -16.90
C LEU B 135 22.37 5.38 -17.79
N GLN B 136 21.76 6.31 -18.53
CA GLN B 136 20.73 5.92 -19.50
C GLN B 136 21.27 4.88 -20.49
N LYS B 137 22.50 5.07 -21.00
CA LYS B 137 23.09 4.11 -21.94
C LYS B 137 23.33 2.76 -21.28
N CYS B 138 23.97 2.77 -20.10
CA CYS B 138 24.21 1.53 -19.38
C CYS B 138 22.93 0.75 -19.14
N ILE B 139 21.84 1.45 -18.81
CA ILE B 139 20.58 0.77 -18.54
C ILE B 139 20.04 0.15 -19.82
N ALA B 140 20.02 0.92 -20.91
CA ALA B 140 19.56 0.40 -22.19
C ALA B 140 20.39 -0.79 -22.65
N LEU B 141 21.71 -0.71 -22.48
CA LEU B 141 22.57 -1.83 -22.89
C LEU B 141 22.28 -3.07 -22.04
N THR B 142 22.23 -2.88 -20.71
CA THR B 142 21.94 -4.00 -19.80
C THR B 142 20.59 -4.64 -20.11
N GLU B 143 19.57 -3.82 -20.40
CA GLU B 143 18.25 -4.34 -20.74
C GLU B 143 18.30 -5.16 -22.04
N GLU B 144 18.90 -4.59 -23.09
CA GLU B 144 18.97 -5.28 -24.38
C GLU B 144 19.85 -6.53 -24.33
N THR B 145 20.99 -6.48 -23.63
CA THR B 145 21.85 -7.65 -23.55
C THR B 145 21.15 -8.84 -22.88
N THR B 146 20.36 -8.59 -21.84
CA THR B 146 19.74 -9.66 -21.05
C THR B 146 18.32 -9.97 -21.48
N LYS B 147 17.76 -9.25 -22.46
CA LYS B 147 16.35 -9.37 -22.82
C LYS B 147 15.94 -10.81 -23.16
N GLY B 148 16.88 -11.63 -23.66
CA GLY B 148 16.50 -12.94 -24.13
C GLY B 148 16.65 -14.04 -23.09
N ASN B 149 17.25 -13.70 -21.95
CA ASN B 149 17.48 -14.70 -20.91
C ASN B 149 16.17 -15.30 -20.44
N LYS B 150 16.18 -16.62 -20.23
CA LYS B 150 14.98 -17.36 -19.88
C LYS B 150 14.81 -17.51 -18.37
N GLY B 151 15.76 -17.05 -17.56
CA GLY B 151 15.71 -17.26 -16.13
C GLY B 151 14.82 -16.30 -15.37
N LEU B 152 15.29 -15.88 -14.19
CA LEU B 152 14.51 -15.05 -13.29
C LEU B 152 14.52 -13.60 -13.74
N HIS B 153 13.37 -12.93 -13.58
CA HIS B 153 13.21 -11.55 -14.03
C HIS B 153 13.51 -10.62 -12.87
N LEU B 154 14.56 -9.82 -13.01
CA LEU B 154 14.96 -8.87 -11.99
C LEU B 154 14.59 -7.45 -12.45
N VAL B 155 13.66 -6.81 -11.72
CA VAL B 155 13.22 -5.46 -12.04
C VAL B 155 13.85 -4.50 -11.03
N ILE B 156 14.55 -3.48 -11.50
CA ILE B 156 15.23 -2.55 -10.61
C ILE B 156 14.50 -1.22 -10.71
N ALA B 157 13.97 -0.77 -9.57
CA ALA B 157 13.22 0.47 -9.49
C ALA B 157 14.22 1.60 -9.24
N LEU B 158 14.39 2.46 -10.23
CA LEU B 158 15.39 3.51 -10.17
C LEU B 158 14.71 4.81 -10.56
N ASN B 159 14.78 5.80 -9.67
CA ASN B 159 14.02 7.02 -9.84
C ASN B 159 12.54 6.68 -10.01
N TYR B 160 12.06 5.80 -9.14
CA TYR B 160 10.71 5.26 -9.17
C TYR B 160 9.99 5.57 -7.86
N GLY B 161 8.66 5.62 -7.94
CA GLY B 161 7.84 5.73 -6.74
C GLY B 161 6.42 5.31 -7.04
N GLY B 162 5.68 5.08 -5.96
CA GLY B 162 4.28 4.68 -6.09
C GLY B 162 3.37 5.78 -6.64
N TYR B 163 3.53 7.02 -6.14
CA TYR B 163 2.79 8.14 -6.73
C TYR B 163 3.12 8.27 -8.22
N TYR B 164 4.42 8.21 -8.54
CA TYR B 164 4.87 8.35 -9.92
C TYR B 164 4.20 7.34 -10.83
N ASP B 165 4.22 6.06 -10.45
CA ASP B 165 3.68 5.04 -11.34
C ASP B 165 2.20 5.30 -11.63
N ILE B 166 1.45 5.67 -10.59
CA ILE B 166 0.01 5.92 -10.74
C ILE B 166 -0.24 7.19 -11.56
N LEU B 167 0.56 8.24 -11.38
CA LEU B 167 0.32 9.46 -12.16
C LEU B 167 0.60 9.23 -13.65
N GLN B 168 1.74 8.63 -14.00
CA GLN B 168 2.03 8.42 -15.42
C GLN B 168 1.01 7.49 -16.08
N ALA B 169 0.53 6.48 -15.35
CA ALA B 169 -0.57 5.69 -15.86
C ALA B 169 -1.80 6.56 -16.09
N THR B 170 -2.01 7.60 -15.27
CA THR B 170 -3.21 8.42 -15.39
C THR B 170 -3.13 9.36 -16.59
N LYS B 171 -1.99 10.02 -16.75
CA LYS B 171 -1.75 10.84 -17.93
C LYS B 171 -1.94 10.03 -19.21
N SER B 172 -1.51 8.77 -19.19
CA SER B 172 -1.58 7.95 -20.38
C SER B 172 -3.03 7.58 -20.68
N ILE B 173 -3.81 7.31 -19.63
CA ILE B 173 -5.24 7.06 -19.78
C ILE B 173 -5.98 8.34 -20.21
N VAL B 174 -5.60 9.49 -19.65
CA VAL B 174 -6.27 10.72 -20.04
C VAL B 174 -6.00 11.01 -21.51
N ASN B 175 -4.75 10.82 -21.95
CA ASN B 175 -4.41 11.09 -23.34
C ASN B 175 -5.20 10.19 -24.30
N LYS B 176 -5.33 8.91 -23.96
CA LYS B 176 -6.14 8.03 -24.80
C LYS B 176 -7.59 8.48 -24.85
N ALA B 177 -8.13 8.94 -23.72
CA ALA B 177 -9.53 9.33 -23.71
C ALA B 177 -9.76 10.57 -24.56
N MET B 178 -8.78 11.48 -24.62
CA MET B 178 -8.87 12.72 -25.37
C MET B 178 -8.77 12.50 -26.88
N ASN B 179 -8.17 11.39 -27.30
CA ASN B 179 -8.08 10.99 -28.71
C ASN B 179 -9.06 9.88 -29.05
N GLY B 180 -10.12 9.72 -28.26
CA GLY B 180 -11.18 8.76 -28.58
C GLY B 180 -10.79 7.30 -28.56
N LEU B 181 -9.62 6.97 -28.03
CA LEU B 181 -9.20 5.57 -27.99
C LEU B 181 -9.82 4.79 -26.84
N LEU B 182 -10.55 5.45 -25.94
CA LEU B 182 -11.32 4.78 -24.89
C LEU B 182 -12.28 5.79 -24.27
N ASP B 183 -13.22 5.28 -23.48
CA ASP B 183 -14.11 6.17 -22.73
C ASP B 183 -14.07 5.83 -21.24
N VAL B 184 -14.73 6.69 -20.47
CA VAL B 184 -14.71 6.58 -19.00
C VAL B 184 -15.15 5.20 -18.56
N GLU B 185 -16.15 4.62 -19.22
CA GLU B 185 -16.63 3.30 -18.83
C GLU B 185 -15.66 2.19 -19.15
N ASP B 186 -14.54 2.49 -19.83
CA ASP B 186 -13.51 1.49 -20.01
C ASP B 186 -12.52 1.43 -18.85
N ILE B 187 -12.51 2.44 -17.97
CA ILE B 187 -11.46 2.61 -16.98
C ILE B 187 -11.71 1.63 -15.84
N ASN B 188 -10.90 0.55 -15.79
CA ASN B 188 -11.07 -0.43 -14.73
C ASN B 188 -9.70 -0.97 -14.32
N LYS B 189 -9.73 -1.99 -13.46
CA LYS B 189 -8.53 -2.50 -12.83
C LYS B 189 -7.55 -3.09 -13.85
N ASN B 190 -8.07 -3.79 -14.87
CA ASN B 190 -7.22 -4.36 -15.92
C ASN B 190 -6.61 -3.28 -16.79
N LEU B 191 -7.39 -2.28 -17.17
CA LEU B 191 -6.82 -1.16 -17.94
C LEU B 191 -5.68 -0.53 -17.17
N PHE B 192 -5.88 -0.27 -15.87
CA PHE B 192 -4.85 0.39 -15.08
C PHE B 192 -3.62 -0.48 -14.93
N ASP B 193 -3.82 -1.79 -14.71
CA ASP B 193 -2.68 -2.70 -14.68
C ASP B 193 -1.85 -2.57 -15.93
N GLN B 194 -2.49 -2.48 -17.10
CA GLN B 194 -1.74 -2.48 -18.35
C GLN B 194 -0.95 -1.19 -18.55
N GLU B 195 -1.32 -0.11 -17.86
CA GLU B 195 -0.62 1.15 -18.02
C GLU B 195 0.49 1.38 -17.00
N LEU B 196 0.49 0.64 -15.87
CA LEU B 196 1.50 0.83 -14.85
C LEU B 196 2.81 0.16 -15.27
N GLU B 197 3.94 0.65 -14.74
CA GLU B 197 5.23 0.08 -15.11
C GLU B 197 5.50 -1.25 -14.39
N SER B 198 5.02 -1.41 -13.16
CA SER B 198 5.08 -2.70 -12.49
C SER B 198 3.72 -3.37 -12.66
N LYS B 199 3.70 -4.51 -13.35
CA LYS B 199 2.50 -5.12 -13.89
C LYS B 199 2.23 -6.45 -13.19
N CYS B 200 1.08 -7.03 -13.49
CA CYS B 200 0.78 -8.37 -13.01
C CYS B 200 1.79 -9.36 -13.57
N PRO B 201 2.13 -10.42 -12.82
CA PRO B 201 1.67 -10.74 -11.44
C PRO B 201 2.32 -9.90 -10.33
N ASN B 202 1.52 -9.42 -9.36
CA ASN B 202 1.95 -8.55 -8.28
C ASN B 202 2.76 -9.34 -7.23
N PRO B 203 3.57 -8.64 -6.41
CA PRO B 203 4.34 -9.34 -5.35
C PRO B 203 3.48 -10.13 -4.37
N ASP B 204 3.84 -11.41 -4.18
CA ASP B 204 3.26 -12.21 -3.12
C ASP B 204 3.85 -11.88 -1.76
N LEU B 205 5.07 -11.37 -1.75
CA LEU B 205 5.84 -11.18 -0.54
C LEU B 205 6.65 -9.92 -0.70
N LEU B 206 6.58 -9.04 0.29
CA LEU B 206 7.48 -7.90 0.37
C LEU B 206 8.39 -8.12 1.58
N ILE B 207 9.71 -7.97 1.36
CA ILE B 207 10.73 -8.07 2.40
C ILE B 207 11.38 -6.70 2.58
N ARG B 208 11.34 -6.17 3.80
CA ARG B 208 12.07 -4.93 4.12
C ARG B 208 13.09 -5.22 5.21
N THR B 209 14.37 -5.17 4.86
CA THR B 209 15.47 -5.18 5.82
C THR B 209 15.63 -3.78 6.40
N GLY B 210 16.27 -3.69 7.58
CA GLY B 210 16.62 -2.40 8.13
C GLY B 210 15.73 -1.90 9.24
N GLY B 211 14.74 -2.68 9.69
CA GLY B 211 13.96 -2.34 10.87
C GLY B 211 12.77 -1.41 10.69
N GLU B 212 12.73 -0.55 9.67
CA GLU B 212 11.58 0.33 9.47
C GLU B 212 10.35 -0.46 8.99
N GLN B 213 9.17 -0.08 9.47
CA GLN B 213 7.93 -0.80 9.19
C GLN B 213 6.96 0.09 8.43
N ARG B 214 7.28 0.33 7.16
CA ARG B 214 6.45 1.11 6.25
C ARG B 214 6.92 0.80 4.83
N VAL B 215 6.22 1.36 3.83
CA VAL B 215 6.57 1.08 2.44
C VAL B 215 7.32 2.24 1.78
N SER B 216 7.20 3.47 2.30
CA SER B 216 7.98 4.60 1.84
C SER B 216 7.82 4.84 0.35
N ASN B 217 6.56 4.81 -0.13
CA ASN B 217 6.27 5.20 -1.51
C ASN B 217 6.97 4.31 -2.52
N PHE B 218 7.06 3.00 -2.25
CA PHE B 218 7.64 2.03 -3.20
C PHE B 218 6.52 1.66 -4.15
N LEU B 219 6.11 0.41 -4.14
CA LEU B 219 4.87 0.10 -4.82
C LEU B 219 3.71 0.60 -3.95
N LEU B 220 2.58 0.89 -4.58
CA LEU B 220 1.39 1.19 -3.80
C LEU B 220 0.23 0.39 -4.38
N TRP B 221 -0.15 0.66 -5.63
CA TRP B 221 -1.19 -0.13 -6.28
C TRP B 221 -0.92 -1.62 -6.13
N GLN B 222 0.33 -2.04 -6.31
CA GLN B 222 0.66 -3.45 -6.45
C GLN B 222 0.63 -4.25 -5.16
N LEU B 223 0.61 -3.60 -4.00
CA LEU B 223 0.79 -4.30 -2.73
C LEU B 223 -0.54 -4.65 -2.06
N ALA B 224 -1.65 -4.44 -2.77
CA ALA B 224 -2.98 -4.49 -2.17
C ALA B 224 -3.19 -5.73 -1.31
N TYR B 225 -2.71 -6.89 -1.78
CA TYR B 225 -2.83 -8.12 -0.98
C TYR B 225 -1.49 -8.83 -0.79
N THR B 226 -0.37 -8.10 -0.82
CA THR B 226 0.95 -8.69 -0.55
C THR B 226 1.13 -9.00 0.94
N GLU B 227 1.78 -10.14 1.24
CA GLU B 227 2.24 -10.42 2.60
C GLU B 227 3.50 -9.64 2.91
N PHE B 228 3.52 -8.95 4.05
CA PHE B 228 4.68 -8.16 4.48
C PHE B 228 5.55 -8.95 5.46
N TYR B 229 6.87 -8.84 5.28
CA TYR B 229 7.87 -9.40 6.18
C TYR B 229 8.90 -8.32 6.51
N PHE B 230 9.04 -8.00 7.80
CA PHE B 230 9.99 -6.99 8.25
C PHE B 230 11.06 -7.63 9.13
N THR B 231 12.31 -7.22 8.92
CA THR B 231 13.42 -7.72 9.71
C THR B 231 14.35 -6.56 10.05
N ASN B 232 15.06 -6.72 11.18
CA ASN B 232 16.02 -5.72 11.63
C ASN B 232 17.37 -5.90 10.99
N THR B 233 17.66 -7.10 10.47
CA THR B 233 18.89 -7.35 9.74
C THR B 233 19.16 -6.21 8.76
N LEU B 234 20.35 -5.65 8.86
CA LEU B 234 20.80 -4.72 7.84
C LEU B 234 21.08 -5.46 6.53
N PHE B 235 20.88 -4.77 5.41
CA PHE B 235 20.89 -5.47 4.13
C PHE B 235 22.21 -6.21 3.85
N PRO B 236 23.40 -5.63 4.07
CA PRO B 236 24.62 -6.43 3.81
C PRO B 236 24.72 -7.69 4.66
N ASP B 237 24.02 -7.78 5.77
CA ASP B 237 24.01 -9.02 6.55
C ASP B 237 22.94 -10.00 6.09
N PHE B 238 22.13 -9.65 5.09
CA PHE B 238 20.97 -10.46 4.72
C PHE B 238 21.44 -11.56 3.78
N GLY B 239 21.70 -12.74 4.34
CA GLY B 239 22.22 -13.86 3.57
C GLY B 239 21.17 -14.94 3.32
N GLU B 240 21.64 -16.01 2.68
CA GLU B 240 20.77 -17.13 2.32
C GLU B 240 19.93 -17.59 3.51
N GLU B 241 20.50 -17.59 4.71
CA GLU B 241 19.75 -18.07 5.87
C GLU B 241 18.57 -17.15 6.17
N ASP B 242 18.80 -15.84 6.15
CA ASP B 242 17.73 -14.88 6.40
C ASP B 242 16.64 -14.98 5.35
N LEU B 243 17.02 -15.23 4.09
CA LEU B 243 16.04 -15.30 3.02
C LEU B 243 15.18 -16.53 3.15
N LYS B 244 15.75 -17.63 3.63
CA LYS B 244 14.94 -18.84 3.80
C LYS B 244 13.99 -18.68 4.98
N GLU B 245 14.40 -17.94 6.02
CA GLU B 245 13.48 -17.70 7.12
C GLU B 245 12.31 -16.86 6.64
N ALA B 246 12.55 -15.91 5.73
CA ALA B 246 11.47 -15.09 5.22
C ALA B 246 10.49 -15.93 4.41
N ILE B 247 11.01 -16.87 3.59
CA ILE B 247 10.14 -17.68 2.74
C ILE B 247 9.37 -18.71 3.56
N MET B 248 9.95 -19.21 4.65
CA MET B 248 9.21 -20.14 5.50
C MET B 248 8.08 -19.43 6.23
N ASN B 249 8.38 -18.27 6.82
CA ASN B 249 7.38 -17.37 7.37
C ASN B 249 6.18 -17.22 6.42
N PHE B 250 6.43 -16.77 5.19
CA PHE B 250 5.38 -16.60 4.18
C PHE B 250 4.53 -17.86 4.02
N GLN B 251 5.18 -19.03 4.04
CA GLN B 251 4.48 -20.28 3.81
C GLN B 251 3.58 -20.66 4.98
N GLN B 252 3.81 -20.09 6.15
CA GLN B 252 2.94 -20.33 7.29
C GLN B 252 1.70 -19.46 7.30
N ARG B 253 1.50 -18.61 6.30
CA ARG B 253 0.51 -17.55 6.35
C ARG B 253 -0.72 -17.96 5.54
N HIS B 254 -1.90 -17.58 6.04
CA HIS B 254 -3.17 -17.91 5.42
C HIS B 254 -3.74 -16.67 4.74
N ARG B 255 -3.87 -16.77 3.41
CA ARG B 255 -4.30 -15.68 2.55
C ARG B 255 -5.76 -15.90 2.15
N ARG B 256 -6.63 -14.94 2.46
CA ARG B 256 -8.05 -15.09 2.20
C ARG B 256 -8.60 -14.19 1.09
N PHE B 257 -7.90 -13.09 0.77
CA PHE B 257 -8.28 -12.21 -0.35
C PHE B 257 -9.72 -11.70 -0.17
N GLY B 258 -10.09 -11.38 1.08
CA GLY B 258 -11.40 -10.86 1.39
C GLY B 258 -12.49 -11.90 1.58
N GLY B 259 -12.22 -13.17 1.28
CA GLY B 259 -13.19 -14.23 1.35
C GLY B 259 -13.04 -15.12 2.57
N HIS B 260 -13.55 -16.34 2.47
CA HIS B 260 -13.61 -17.24 3.61
C HIS B 260 -12.76 -18.49 3.38
O4 DST C . -11.40 -13.72 12.05
P1 DST C . -11.86 -13.16 10.71
O6 DST C . -12.35 -14.25 9.77
O5 DST C . -10.70 -12.44 10.05
O2 DST C . -13.04 -12.06 10.98
P3 DST C . -13.50 -10.93 9.88
O8 DST C . -12.69 -11.07 8.61
O7 DST C . -14.95 -11.09 9.49
S9 DST C . -13.09 -9.04 10.69
C10 DST C . -12.88 -7.93 9.27
C11 DST C . -14.15 -8.06 8.43
C12 DST C . -15.10 -7.15 8.56
C13 DST C . -16.37 -7.24 7.74
C14 DST C . -14.89 -6.00 9.54
C1 IPE D . -10.12 -6.58 5.74
O1 IPE D . -10.36 -7.79 6.42
C2 IPE D . -11.43 -5.94 5.29
C3 IPE D . -12.19 -5.32 6.49
C4 IPE D . -13.44 -4.90 6.34
C5 IPE D . -11.50 -5.16 7.85
PA IPE D . -10.30 -9.19 5.58
O1A IPE D . -10.57 -10.39 6.48
O2A IPE D . -11.25 -9.15 4.40
O3A IPE D . -8.79 -9.30 4.96
PB IPE D . -7.99 -10.63 4.44
O1B IPE D . -8.87 -11.53 3.60
O2B IPE D . -7.48 -11.41 5.62
O3B IPE D . -6.89 -10.07 3.59
MG MG E . -10.42 -11.01 8.35
C1 IPE F . 15.88 7.82 3.83
O1 IPE F . 16.08 6.46 4.10
C2 IPE F . 16.36 8.69 5.01
C3 IPE F . 15.23 9.66 5.34
C4 IPE F . 14.74 10.43 4.39
C5 IPE F . 14.68 9.73 6.76
PA IPE F . 15.34 5.31 3.18
O1A IPE F . 15.81 5.43 1.74
O2A IPE F . 15.67 3.91 3.70
O3A IPE F . 13.70 5.55 3.28
PB IPE F . 12.90 5.75 4.72
O1B IPE F . 12.54 7.22 4.88
O2B IPE F . 13.86 5.33 5.81
O3B IPE F . 11.67 4.86 4.78
MG MG G . 17.39 3.80 4.98
O4 DST H . 20.67 4.87 7.02
P1 DST H . 20.53 3.43 6.57
O6 DST H . 19.06 3.10 6.48
O5 DST H . 21.17 2.48 7.57
O2 DST H . 21.29 3.30 5.09
P3 DST H . 20.63 3.53 3.58
O8 DST H . 19.45 4.47 3.58
O7 DST H . 21.64 4.05 2.55
S9 DST H . 19.97 1.62 3.01
C10 DST H . 18.72 1.98 1.74
C11 DST H . 19.54 2.30 0.51
C12 DST H . 18.98 3.05 -0.41
C13 DST H . 17.57 3.56 -0.20
C14 DST H . 19.78 3.39 -1.66
#